data_3G6S
#
_entry.id   3G6S
#
_cell.length_a   75.601
_cell.length_b   75.601
_cell.length_c   66.715
_cell.angle_alpha   90.00
_cell.angle_beta   90.00
_cell.angle_gamma   90.00
#
_symmetry.space_group_name_H-M   'P 41'
#
loop_
_entity.id
_entity.type
_entity.pdbx_description
1 polymer 'Putative endonuclease/exonuclease/phosphatase family protein'
2 water water
#
_entity_poly.entity_id   1
_entity_poly.type   'polypeptide(L)'
_entity_poly.pdbx_seq_one_letter_code
;KTDVRWATFNIRYDNPQDSLNNWQYRKDRVCQFIKDHELDIVG(MSE)QEVLHNQFQDLRAGLPEYDGIGVGRDDGKTAG
EYAPLFYRKDKYEVLDSNTFWLAENPDSVG(MSE)(MSE)GWDAVCVRIATWAKFKDKATGKIF(MSE)AVNTHFDHVGE
EARRQSALLIIRKIKEIVGERPAVVTGDFNVTDASDAYETITTNEFV(MSE)KDAYKTAARVTGVDYTFHDFARIPAEDC
EKIDFIFVTPQVLVKSCEIPAEVPEALLSDHNPQLADLELEHHHHHH
;
_entity_poly.pdbx_strand_id   A
#
# COMPACT_ATOMS: atom_id res chain seq x y z
N LYS A 1 -17.50 -14.25 -6.18
CA LYS A 1 -17.95 -14.88 -4.90
C LYS A 1 -17.04 -14.48 -3.73
N THR A 2 -15.92 -13.83 -4.03
CA THR A 2 -14.95 -13.40 -3.01
C THR A 2 -14.86 -11.86 -2.95
N ASP A 3 -15.44 -11.26 -1.90
CA ASP A 3 -15.41 -9.81 -1.74
C ASP A 3 -14.35 -9.35 -0.74
N VAL A 4 -13.64 -8.29 -1.08
CA VAL A 4 -12.60 -7.79 -0.18
C VAL A 4 -12.40 -6.29 -0.31
N ARG A 5 -12.50 -5.58 0.81
CA ARG A 5 -12.28 -4.14 0.80
C ARG A 5 -10.80 -3.91 1.05
N TRP A 6 -10.10 -3.49 0.01
CA TRP A 6 -8.67 -3.25 0.05
C TRP A 6 -8.35 -1.78 0.29
N ALA A 7 -7.14 -1.51 0.79
CA ALA A 7 -6.73 -0.13 1.03
C ALA A 7 -5.22 0.06 1.11
N THR A 8 -4.74 1.15 0.52
CA THR A 8 -3.33 1.49 0.57
C THR A 8 -3.24 2.81 1.33
N PHE A 9 -2.33 2.91 2.28
CA PHE A 9 -2.22 4.11 3.08
C PHE A 9 -0.85 4.39 3.67
N ASN A 10 -0.33 5.59 3.38
CA ASN A 10 0.97 6.03 3.91
C ASN A 10 0.61 6.74 5.21
N ILE A 11 1.12 6.25 6.33
CA ILE A 11 0.77 6.85 7.60
C ILE A 11 1.72 7.93 8.11
N ARG A 12 2.79 8.21 7.35
CA ARG A 12 3.78 9.22 7.75
C ARG A 12 4.55 8.72 8.98
N TYR A 13 5.82 8.36 8.78
CA TYR A 13 6.61 7.84 9.89
C TYR A 13 6.61 8.76 11.11
N ASP A 14 6.80 8.15 12.28
CA ASP A 14 6.82 8.85 13.57
C ASP A 14 7.99 9.83 13.63
N ASN A 15 7.67 11.12 13.69
CA ASN A 15 8.69 12.16 13.76
C ASN A 15 8.29 13.23 14.78
N PRO A 16 8.99 13.29 15.93
CA PRO A 16 8.69 14.27 16.99
C PRO A 16 8.64 15.72 16.51
N GLN A 17 9.31 16.01 15.41
CA GLN A 17 9.35 17.35 14.83
C GLN A 17 7.99 17.74 14.22
N ASP A 18 7.14 16.76 13.97
CA ASP A 18 5.81 17.02 13.41
C ASP A 18 4.93 17.69 14.45
N SER A 19 5.43 17.76 15.68
CA SER A 19 4.72 18.37 16.80
C SER A 19 3.26 17.89 16.89
N LEU A 20 2.30 18.77 16.65
CA LEU A 20 0.89 18.38 16.75
C LEU A 20 0.41 17.39 15.68
N ASN A 21 1.25 17.13 14.69
CA ASN A 21 0.89 16.17 13.65
C ASN A 21 1.64 14.87 13.90
N ASN A 22 2.37 14.81 15.01
CA ASN A 22 3.13 13.61 15.36
C ASN A 22 2.25 12.39 15.44
N TRP A 23 2.85 11.23 15.19
CA TRP A 23 2.17 9.96 15.21
C TRP A 23 1.37 9.71 16.50
N GLN A 24 1.85 10.24 17.61
CA GLN A 24 1.16 10.05 18.87
C GLN A 24 -0.25 10.63 18.86
N TYR A 25 -0.46 11.71 18.10
CA TYR A 25 -1.78 12.34 18.03
C TYR A 25 -2.66 11.79 16.90
N ARG A 26 -2.13 10.83 16.15
CA ARG A 26 -2.87 10.26 15.04
C ARG A 26 -3.14 8.78 15.20
N LYS A 27 -2.37 8.14 16.08
CA LYS A 27 -2.48 6.72 16.38
C LYS A 27 -3.92 6.21 16.42
N ASP A 28 -4.71 6.75 17.35
CA ASP A 28 -6.09 6.33 17.51
C ASP A 28 -6.96 6.65 16.31
N ARG A 29 -6.78 7.84 15.73
CA ARG A 29 -7.56 8.24 14.57
C ARG A 29 -7.36 7.25 13.42
N VAL A 30 -6.12 6.82 13.19
CA VAL A 30 -5.81 5.88 12.12
C VAL A 30 -6.43 4.49 12.36
N CYS A 31 -6.26 3.95 13.57
CA CYS A 31 -6.83 2.65 13.91
C CYS A 31 -8.35 2.69 13.76
N GLN A 32 -8.95 3.76 14.28
CA GLN A 32 -10.40 3.91 14.23
C GLN A 32 -10.91 3.89 12.79
N PHE A 33 -10.23 4.64 11.93
CA PHE A 33 -10.62 4.70 10.52
C PHE A 33 -10.69 3.29 9.93
N ILE A 34 -9.62 2.52 10.16
CA ILE A 34 -9.53 1.14 9.67
C ILE A 34 -10.70 0.27 10.14
N LYS A 35 -10.95 0.24 11.45
CA LYS A 35 -12.06 -0.57 11.96
C LYS A 35 -13.42 -0.03 11.48
N ASP A 36 -13.58 1.30 11.46
CA ASP A 36 -14.82 1.93 11.02
C ASP A 36 -15.18 1.55 9.58
N HIS A 37 -14.24 1.71 8.67
CA HIS A 37 -14.48 1.39 7.27
C HIS A 37 -14.36 -0.09 7.00
N GLU A 38 -14.14 -0.86 8.06
CA GLU A 38 -14.01 -2.32 7.97
C GLU A 38 -13.07 -2.80 6.88
N LEU A 39 -11.86 -2.26 6.90
CA LEU A 39 -10.86 -2.65 5.92
C LEU A 39 -10.50 -4.13 6.11
N ASP A 40 -10.47 -4.88 5.02
CA ASP A 40 -10.14 -6.30 5.07
C ASP A 40 -8.64 -6.49 4.96
N ILE A 41 -8.03 -5.76 4.04
CA ILE A 41 -6.59 -5.84 3.81
C ILE A 41 -6.05 -4.45 3.57
N VAL A 42 -4.97 -4.10 4.27
CA VAL A 42 -4.38 -2.79 4.16
C VAL A 42 -2.87 -2.85 3.96
N GLY A 43 -2.38 -2.16 2.94
CA GLY A 43 -0.95 -2.11 2.70
C GLY A 43 -0.57 -0.70 3.11
N GLN A 45 2.46 2.35 4.13
CA GLN A 45 3.87 2.71 3.90
C GLN A 45 4.37 3.63 5.03
N GLU A 46 5.70 3.80 5.09
CA GLU A 46 6.35 4.64 6.11
C GLU A 46 5.96 4.25 7.54
N VAL A 47 6.07 2.98 7.87
CA VAL A 47 5.71 2.54 9.21
C VAL A 47 6.94 2.10 10.02
N LEU A 48 7.25 2.86 11.08
CA LEU A 48 8.40 2.51 11.92
C LEU A 48 7.98 1.42 12.91
N HIS A 49 8.97 0.72 13.46
CA HIS A 49 8.69 -0.36 14.40
C HIS A 49 7.74 -0.04 15.55
N ASN A 50 7.90 1.13 16.16
CA ASN A 50 7.02 1.48 17.25
C ASN A 50 5.62 1.70 16.69
N GLN A 51 5.52 2.24 15.49
CA GLN A 51 4.21 2.48 14.86
C GLN A 51 3.59 1.14 14.45
N PHE A 52 4.42 0.20 14.00
CA PHE A 52 3.93 -1.10 13.62
C PHE A 52 3.29 -1.72 14.86
N GLN A 53 3.99 -1.63 15.99
CA GLN A 53 3.47 -2.18 17.25
C GLN A 53 2.17 -1.52 17.70
N ASP A 54 2.04 -0.22 17.48
CA ASP A 54 0.81 0.47 17.88
C ASP A 54 -0.35 -0.03 17.04
N LEU A 55 -0.09 -0.29 15.75
CA LEU A 55 -1.15 -0.78 14.87
C LEU A 55 -1.66 -2.13 15.38
N ARG A 56 -0.73 -3.03 15.70
CA ARG A 56 -1.12 -4.33 16.20
C ARG A 56 -1.96 -4.20 17.47
N ALA A 57 -1.59 -3.25 18.32
CA ALA A 57 -2.32 -3.04 19.56
C ALA A 57 -3.70 -2.43 19.33
N GLY A 58 -3.78 -1.51 18.37
CA GLY A 58 -5.04 -0.85 18.07
C GLY A 58 -5.95 -1.65 17.16
N LEU A 59 -5.38 -2.62 16.44
CA LEU A 59 -6.19 -3.44 15.53
C LEU A 59 -6.07 -4.90 15.97
N PRO A 60 -6.61 -5.23 17.15
CA PRO A 60 -6.54 -6.60 17.67
C PRO A 60 -7.12 -7.67 16.74
N GLU A 61 -8.11 -7.30 15.92
CA GLU A 61 -8.74 -8.25 15.00
C GLU A 61 -7.95 -8.47 13.72
N TYR A 62 -6.79 -7.83 13.65
CA TYR A 62 -5.94 -7.93 12.47
C TYR A 62 -4.59 -8.54 12.80
N ASP A 63 -3.72 -8.56 11.80
CA ASP A 63 -2.38 -9.08 11.96
C ASP A 63 -1.48 -8.40 10.94
N GLY A 64 -0.23 -8.18 11.30
CA GLY A 64 0.69 -7.51 10.40
C GLY A 64 1.73 -8.42 9.76
N ILE A 65 2.25 -7.99 8.62
CA ILE A 65 3.27 -8.75 7.91
C ILE A 65 4.36 -7.83 7.38
N GLY A 66 5.62 -8.15 7.64
CA GLY A 66 6.69 -7.32 7.13
C GLY A 66 7.85 -7.09 8.08
N VAL A 67 8.91 -6.49 7.56
CA VAL A 67 10.09 -6.21 8.37
C VAL A 67 10.69 -4.85 8.01
N GLY A 68 11.68 -4.43 8.80
CA GLY A 68 12.32 -3.15 8.54
C GLY A 68 13.13 -3.22 7.26
N ARG A 69 13.15 -2.14 6.49
CA ARG A 69 13.88 -2.13 5.23
C ARG A 69 15.38 -1.90 5.34
N ASP A 70 15.90 -1.72 6.55
CA ASP A 70 17.33 -1.49 6.71
C ASP A 70 18.13 -2.75 7.00
N ASP A 71 17.60 -3.60 7.87
CA ASP A 71 18.28 -4.84 8.23
C ASP A 71 17.35 -6.04 8.22
N GLY A 72 16.26 -5.94 7.47
CA GLY A 72 15.31 -7.02 7.39
C GLY A 72 14.72 -7.48 8.71
N LYS A 73 14.83 -6.64 9.73
CA LYS A 73 14.31 -6.98 11.05
C LYS A 73 13.39 -5.88 11.58
N THR A 74 13.90 -4.96 12.38
CA THR A 74 13.06 -3.89 12.91
C THR A 74 13.59 -2.49 12.61
N ALA A 75 14.73 -2.42 11.95
CA ALA A 75 15.33 -1.13 11.62
C ALA A 75 14.81 -0.57 10.30
N GLY A 76 14.41 0.70 10.32
CA GLY A 76 13.90 1.33 9.12
C GLY A 76 12.40 1.30 8.99
N GLU A 77 11.88 1.89 7.91
CA GLU A 77 10.44 1.91 7.70
C GLU A 77 9.93 0.58 7.14
N TYR A 78 8.77 0.17 7.61
CA TYR A 78 8.12 -1.05 7.16
C TYR A 78 7.17 -0.67 6.02
N ALA A 79 6.75 -1.69 5.27
CA ALA A 79 5.77 -1.53 4.20
C ALA A 79 4.89 -2.76 4.41
N PRO A 80 4.27 -2.85 5.60
CA PRO A 80 3.42 -3.95 6.03
C PRO A 80 2.03 -4.08 5.44
N LEU A 81 1.47 -5.28 5.63
CA LEU A 81 0.14 -5.65 5.19
C LEU A 81 -0.65 -6.09 6.41
N PHE A 82 -1.79 -5.46 6.67
CA PHE A 82 -2.62 -5.86 7.79
C PHE A 82 -3.89 -6.50 7.23
N TYR A 83 -4.32 -7.59 7.84
CA TYR A 83 -5.50 -8.30 7.38
C TYR A 83 -6.33 -8.86 8.53
N ARG A 84 -7.58 -9.18 8.25
CA ARG A 84 -8.49 -9.76 9.23
C ARG A 84 -8.07 -11.20 9.54
N LYS A 85 -7.62 -11.45 10.78
CA LYS A 85 -7.17 -12.79 11.19
C LYS A 85 -8.20 -13.87 10.91
N ASP A 86 -9.46 -13.56 11.20
CA ASP A 86 -10.57 -14.48 11.03
C ASP A 86 -11.07 -14.64 9.60
N LYS A 87 -10.76 -13.68 8.74
CA LYS A 87 -11.21 -13.76 7.35
C LYS A 87 -10.23 -14.41 6.39
N TYR A 88 -8.94 -14.08 6.54
CA TYR A 88 -7.93 -14.61 5.64
C TYR A 88 -6.79 -15.34 6.32
N GLU A 89 -6.27 -16.37 5.64
CA GLU A 89 -5.16 -17.14 6.16
C GLU A 89 -3.96 -16.86 5.26
N VAL A 90 -2.77 -16.74 5.86
CA VAL A 90 -1.56 -16.48 5.11
C VAL A 90 -0.87 -17.78 4.75
N LEU A 91 -0.87 -18.14 3.47
CA LEU A 91 -0.22 -19.38 3.05
C LEU A 91 1.29 -19.17 3.02
N ASP A 92 1.69 -17.99 2.61
CA ASP A 92 3.10 -17.66 2.54
C ASP A 92 3.25 -16.16 2.40
N SER A 93 4.41 -15.65 2.80
CA SER A 93 4.65 -14.22 2.74
C SER A 93 6.12 -13.93 2.88
N ASN A 94 6.53 -12.76 2.41
CA ASN A 94 7.93 -12.39 2.51
C ASN A 94 8.12 -10.96 2.06
N THR A 95 9.37 -10.50 2.07
CA THR A 95 9.68 -9.15 1.64
C THR A 95 11.03 -9.16 0.93
N PHE A 96 11.11 -8.50 -0.22
CA PHE A 96 12.36 -8.43 -0.98
C PHE A 96 12.75 -6.99 -1.22
N TRP A 97 14.02 -6.77 -1.56
CA TRP A 97 14.54 -5.42 -1.80
C TRP A 97 14.49 -4.98 -3.26
N LEU A 98 13.92 -3.80 -3.49
CA LEU A 98 13.81 -3.26 -4.84
C LEU A 98 15.21 -2.83 -5.29
N ALA A 99 15.94 -3.80 -5.82
CA ALA A 99 17.30 -3.59 -6.30
C ALA A 99 17.70 -4.70 -7.26
N GLU A 100 18.94 -4.63 -7.74
CA GLU A 100 19.46 -5.62 -8.68
C GLU A 100 19.40 -7.03 -8.09
N ASN A 101 19.42 -7.11 -6.77
CA ASN A 101 19.33 -8.39 -6.07
C ASN A 101 18.33 -8.26 -4.93
N PRO A 102 17.06 -8.62 -5.19
CA PRO A 102 16.02 -8.52 -4.16
C PRO A 102 16.24 -9.36 -2.90
N ASP A 103 17.28 -10.19 -2.90
CA ASP A 103 17.56 -11.04 -1.73
C ASP A 103 18.62 -10.44 -0.81
N SER A 104 19.27 -9.38 -1.29
CA SER A 104 20.31 -8.72 -0.49
C SER A 104 19.70 -7.70 0.46
N VAL A 105 19.43 -8.13 1.69
CA VAL A 105 18.84 -7.26 2.68
C VAL A 105 19.56 -5.92 2.84
N GLY A 106 18.77 -4.84 2.86
CA GLY A 106 19.31 -3.49 3.02
C GLY A 106 20.00 -2.92 1.80
N GLY A 109 19.23 0.28 -4.88
CA GLY A 109 19.24 -0.10 -6.28
C GLY A 109 19.12 1.01 -7.29
N TRP A 110 19.96 0.97 -8.32
CA TRP A 110 19.93 1.97 -9.38
C TRP A 110 19.94 3.42 -8.89
N ASP A 111 19.15 4.26 -9.53
CA ASP A 111 19.03 5.68 -9.21
C ASP A 111 18.62 5.94 -7.76
N ALA A 112 18.14 4.90 -7.09
CA ALA A 112 17.68 5.00 -5.70
C ALA A 112 18.45 5.97 -4.81
N VAL A 113 17.73 6.59 -3.88
CA VAL A 113 18.32 7.53 -2.94
C VAL A 113 18.15 6.99 -1.52
N CYS A 114 17.17 6.09 -1.37
CA CYS A 114 16.85 5.46 -0.10
C CYS A 114 16.52 3.99 -0.37
N VAL A 115 16.91 3.11 0.54
CA VAL A 115 16.62 1.69 0.37
C VAL A 115 15.09 1.51 0.29
N ARG A 116 14.63 0.66 -0.63
CA ARG A 116 13.20 0.43 -0.80
C ARG A 116 12.86 -1.06 -0.75
N ILE A 117 11.61 -1.37 -0.37
CA ILE A 117 11.17 -2.76 -0.30
C ILE A 117 9.72 -2.97 -0.73
N ALA A 118 9.38 -4.24 -0.88
CA ALA A 118 8.03 -4.65 -1.22
C ALA A 118 7.74 -5.86 -0.33
N THR A 119 6.58 -5.85 0.33
CA THR A 119 6.21 -6.99 1.17
C THR A 119 5.00 -7.63 0.50
N TRP A 120 5.02 -8.96 0.38
CA TRP A 120 3.93 -9.68 -0.26
C TRP A 120 3.42 -10.83 0.57
N ALA A 121 2.25 -11.34 0.20
CA ALA A 121 1.65 -12.45 0.92
C ALA A 121 0.62 -13.16 0.05
N LYS A 122 0.70 -14.48 0.05
CA LYS A 122 -0.23 -15.31 -0.69
C LYS A 122 -1.35 -15.63 0.31
N PHE A 123 -2.52 -15.06 0.08
CA PHE A 123 -3.68 -15.23 0.96
C PHE A 123 -4.65 -16.29 0.51
N LYS A 124 -5.57 -16.63 1.41
CA LYS A 124 -6.61 -17.61 1.10
C LYS A 124 -7.82 -17.17 1.88
N ASP A 125 -8.94 -17.09 1.20
CA ASP A 125 -10.18 -16.69 1.86
C ASP A 125 -10.67 -17.93 2.60
N LYS A 126 -10.56 -17.92 3.93
CA LYS A 126 -10.99 -19.06 4.72
C LYS A 126 -12.49 -19.14 4.84
N ALA A 127 -13.17 -19.04 3.70
CA ALA A 127 -14.62 -19.12 3.67
C ALA A 127 -15.00 -19.57 2.27
N THR A 128 -14.26 -19.08 1.27
CA THR A 128 -14.51 -19.44 -0.12
C THR A 128 -13.37 -20.29 -0.67
N GLY A 129 -12.23 -20.29 0.03
CA GLY A 129 -11.08 -21.07 -0.42
C GLY A 129 -10.32 -20.39 -1.55
N LYS A 130 -10.71 -19.16 -1.87
CA LYS A 130 -10.06 -18.41 -2.93
C LYS A 130 -8.64 -17.96 -2.59
N ILE A 131 -7.72 -18.21 -3.52
CA ILE A 131 -6.32 -17.85 -3.38
C ILE A 131 -6.02 -16.58 -4.18
N PHE A 132 -5.27 -15.68 -3.56
CA PHE A 132 -4.89 -14.44 -4.22
C PHE A 132 -3.64 -13.90 -3.60
N ALA A 134 -1.25 -10.38 -2.41
CA ALA A 134 -1.21 -8.98 -2.09
C ALA A 134 0.24 -8.57 -2.04
N VAL A 135 0.54 -7.44 -2.68
CA VAL A 135 1.89 -6.90 -2.69
C VAL A 135 1.78 -5.42 -2.33
N ASN A 136 2.56 -5.01 -1.33
CA ASN A 136 2.56 -3.64 -0.84
C ASN A 136 3.97 -3.11 -0.94
N THR A 137 4.13 -1.92 -1.50
CA THR A 137 5.47 -1.39 -1.65
C THR A 137 5.55 0.13 -1.49
N HIS A 138 6.78 0.66 -1.50
CA HIS A 138 7.05 2.11 -1.38
C HIS A 138 8.22 2.44 -2.31
N PHE A 139 7.93 3.15 -3.40
CA PHE A 139 8.96 3.52 -4.39
C PHE A 139 9.84 4.73 -4.04
N ASP A 140 10.95 4.86 -4.75
CA ASP A 140 11.90 5.96 -4.56
C ASP A 140 11.38 7.20 -5.29
N HIS A 141 11.47 8.36 -4.63
CA HIS A 141 11.00 9.60 -5.23
C HIS A 141 12.02 10.22 -6.18
N VAL A 142 13.30 9.92 -5.97
CA VAL A 142 14.35 10.45 -6.83
C VAL A 142 14.80 9.51 -7.96
N GLY A 143 15.00 8.24 -7.64
CA GLY A 143 15.45 7.28 -8.63
C GLY A 143 14.50 6.93 -9.75
N GLU A 144 14.77 7.44 -10.95
CA GLU A 144 13.92 7.16 -12.09
C GLU A 144 14.07 5.73 -12.56
N GLU A 145 15.28 5.34 -12.89
CA GLU A 145 15.52 4.00 -13.35
C GLU A 145 15.07 3.01 -12.28
N ALA A 146 15.37 3.32 -11.02
CA ALA A 146 14.99 2.43 -9.93
C ALA A 146 13.50 2.17 -9.96
N ARG A 147 12.71 3.21 -10.22
CA ARG A 147 11.27 3.05 -10.27
C ARG A 147 10.84 2.11 -11.38
N ARG A 148 11.41 2.28 -12.56
CA ARG A 148 11.06 1.44 -13.69
C ARG A 148 11.42 -0.02 -13.39
N GLN A 149 12.57 -0.22 -12.75
CA GLN A 149 13.02 -1.56 -12.41
C GLN A 149 12.18 -2.18 -11.32
N SER A 150 11.81 -1.37 -10.33
CA SER A 150 11.00 -1.85 -9.21
C SER A 150 9.66 -2.40 -9.70
N ALA A 151 9.09 -1.73 -10.71
CA ALA A 151 7.83 -2.14 -11.28
C ALA A 151 7.96 -3.48 -12.01
N LEU A 152 8.96 -3.60 -12.87
CA LEU A 152 9.18 -4.84 -13.59
C LEU A 152 9.48 -5.98 -12.61
N LEU A 153 10.21 -5.66 -11.55
CA LEU A 153 10.57 -6.66 -10.55
C LEU A 153 9.32 -7.21 -9.87
N ILE A 154 8.39 -6.32 -9.52
CA ILE A 154 7.16 -6.74 -8.87
C ILE A 154 6.36 -7.66 -9.79
N ILE A 155 6.25 -7.28 -11.05
CA ILE A 155 5.51 -8.12 -12.00
C ILE A 155 6.10 -9.52 -12.04
N ARG A 156 7.42 -9.62 -12.13
CA ARG A 156 8.08 -10.93 -12.17
C ARG A 156 7.84 -11.77 -10.90
N LYS A 157 7.65 -11.09 -9.77
CA LYS A 157 7.42 -11.78 -8.51
C LYS A 157 5.96 -12.24 -8.40
N ILE A 158 5.05 -11.49 -9.02
CA ILE A 158 3.65 -11.87 -8.98
C ILE A 158 3.47 -13.11 -9.83
N LYS A 159 4.15 -13.16 -10.98
CA LYS A 159 4.02 -14.33 -11.87
C LYS A 159 4.74 -15.53 -11.27
N GLU A 160 5.77 -15.26 -10.48
CA GLU A 160 6.54 -16.32 -9.85
C GLU A 160 5.76 -17.00 -8.73
N ILE A 161 5.20 -16.19 -7.84
CA ILE A 161 4.46 -16.70 -6.70
C ILE A 161 3.03 -17.18 -6.94
N VAL A 162 2.21 -16.34 -7.57
CA VAL A 162 0.82 -16.72 -7.79
C VAL A 162 0.45 -16.93 -9.24
N GLY A 163 1.41 -16.74 -10.15
CA GLY A 163 1.13 -16.94 -11.56
C GLY A 163 0.07 -16.02 -12.13
N GLU A 164 -0.99 -16.60 -12.65
CA GLU A 164 -2.08 -15.81 -13.24
C GLU A 164 -3.31 -15.67 -12.33
N ARG A 165 -3.14 -16.02 -11.06
CA ARG A 165 -4.20 -15.92 -10.08
C ARG A 165 -4.29 -14.46 -9.61
N PRO A 166 -5.46 -14.04 -9.10
CA PRO A 166 -5.69 -12.67 -8.62
C PRO A 166 -4.57 -12.13 -7.72
N ALA A 167 -4.18 -10.90 -8.01
CA ALA A 167 -3.12 -10.21 -7.28
C ALA A 167 -3.43 -8.72 -7.22
N VAL A 168 -3.09 -8.11 -6.10
CA VAL A 168 -3.34 -6.69 -5.94
C VAL A 168 -2.08 -6.05 -5.37
N VAL A 169 -1.65 -4.98 -6.04
CA VAL A 169 -0.48 -4.24 -5.64
C VAL A 169 -0.90 -2.87 -5.17
N THR A 170 -0.43 -2.52 -3.98
CA THR A 170 -0.70 -1.23 -3.39
C THR A 170 0.61 -0.58 -2.98
N GLY A 171 0.55 0.72 -2.73
CA GLY A 171 1.73 1.42 -2.29
C GLY A 171 1.82 2.87 -2.69
N ASP A 172 2.91 3.50 -2.26
CA ASP A 172 3.19 4.87 -2.58
C ASP A 172 4.25 4.81 -3.64
N PHE A 173 3.95 5.35 -4.82
CA PHE A 173 4.91 5.32 -5.89
C PHE A 173 5.67 6.62 -6.11
N ASN A 174 5.30 7.66 -5.37
CA ASN A 174 5.97 8.95 -5.49
C ASN A 174 5.94 9.53 -6.89
N VAL A 175 4.89 9.23 -7.64
CA VAL A 175 4.75 9.78 -8.99
C VAL A 175 3.28 9.81 -9.35
N THR A 176 2.95 10.52 -10.42
CA THR A 176 1.55 10.57 -10.81
C THR A 176 1.39 9.59 -11.95
N ASP A 177 0.19 9.61 -12.55
CA ASP A 177 -0.13 8.72 -13.65
C ASP A 177 0.62 9.18 -14.90
N ALA A 178 1.19 10.38 -14.84
CA ALA A 178 1.92 10.93 -15.98
C ALA A 178 3.39 10.47 -16.00
N SER A 179 3.81 9.75 -14.97
CA SER A 179 5.19 9.28 -14.92
C SER A 179 5.37 8.09 -15.84
N ASP A 180 6.62 7.65 -15.97
CA ASP A 180 6.91 6.50 -16.82
C ASP A 180 6.72 5.22 -16.01
N ALA A 181 7.07 5.26 -14.73
CA ALA A 181 6.90 4.08 -13.90
C ALA A 181 5.43 3.65 -13.93
N TYR A 182 4.54 4.63 -13.91
CA TYR A 182 3.12 4.31 -13.95
C TYR A 182 2.81 3.63 -15.27
N GLU A 183 3.50 4.06 -16.32
CA GLU A 183 3.28 3.50 -17.64
C GLU A 183 3.88 2.11 -17.80
N THR A 184 4.98 1.82 -17.10
CA THR A 184 5.60 0.50 -17.22
C THR A 184 4.75 -0.60 -16.60
N ILE A 185 4.01 -0.31 -15.53
CA ILE A 185 3.17 -1.35 -14.93
C ILE A 185 1.77 -1.35 -15.51
N THR A 186 1.44 -0.28 -16.23
CA THR A 186 0.15 -0.13 -16.85
C THR A 186 0.16 -0.64 -18.29
N THR A 187 1.31 -0.56 -18.96
CA THR A 187 1.41 -1.00 -20.35
C THR A 187 2.35 -2.17 -20.58
N ASN A 188 2.40 -3.06 -19.60
CA ASN A 188 3.25 -4.24 -19.68
C ASN A 188 2.47 -5.44 -20.18
N GLU A 189 3.17 -6.38 -20.81
CA GLU A 189 2.57 -7.60 -21.33
C GLU A 189 1.71 -8.27 -20.25
N PHE A 190 2.13 -8.12 -18.99
CA PHE A 190 1.38 -8.65 -17.85
C PHE A 190 0.50 -7.46 -17.46
N VAL A 191 -0.78 -7.53 -17.83
CA VAL A 191 -1.74 -6.46 -17.57
C VAL A 191 -2.02 -6.18 -16.10
N LYS A 193 -4.38 -3.21 -14.07
CA LYS A 193 -5.31 -2.10 -14.20
C LYS A 193 -5.19 -1.14 -13.00
N ASP A 194 -5.44 0.13 -13.24
CA ASP A 194 -5.39 1.12 -12.18
C ASP A 194 -6.79 1.08 -11.57
N ALA A 195 -6.91 0.55 -10.36
CA ALA A 195 -8.23 0.43 -9.73
C ALA A 195 -9.04 1.74 -9.72
N TYR A 196 -8.34 2.87 -9.64
CA TYR A 196 -9.01 4.16 -9.60
C TYR A 196 -9.65 4.55 -10.94
N LYS A 197 -9.01 4.18 -12.05
CA LYS A 197 -9.51 4.49 -13.39
C LYS A 197 -10.50 3.45 -13.92
N THR A 198 -10.57 2.26 -13.30
CA THR A 198 -11.49 1.23 -13.78
C THR A 198 -12.68 0.96 -12.87
N ALA A 199 -12.71 1.63 -11.72
CA ALA A 199 -13.80 1.45 -10.76
C ALA A 199 -15.12 1.93 -11.35
N ALA A 200 -16.19 1.18 -11.08
CA ALA A 200 -17.51 1.52 -11.58
C ALA A 200 -18.06 2.74 -10.86
N ARG A 201 -17.57 2.99 -9.65
CA ARG A 201 -18.02 4.12 -8.85
C ARG A 201 -16.83 4.69 -8.08
N VAL A 202 -16.68 6.02 -8.11
CA VAL A 202 -15.60 6.71 -7.45
C VAL A 202 -16.13 7.85 -6.60
N THR A 203 -15.72 7.89 -5.33
CA THR A 203 -16.16 8.94 -4.43
C THR A 203 -14.99 9.53 -3.65
N GLY A 204 -15.14 10.76 -3.19
CA GLY A 204 -14.09 11.40 -2.44
C GLY A 204 -13.30 12.36 -3.31
N VAL A 205 -12.07 12.66 -2.88
CA VAL A 205 -11.19 13.57 -3.59
C VAL A 205 -10.32 12.80 -4.61
N ASP A 206 -9.65 13.52 -5.49
CA ASP A 206 -8.82 12.87 -6.52
C ASP A 206 -7.31 13.01 -6.30
N TYR A 207 -6.92 13.43 -5.10
CA TYR A 207 -5.51 13.57 -4.75
C TYR A 207 -5.25 12.78 -3.48
N THR A 208 -4.00 12.37 -3.29
CA THR A 208 -3.63 11.56 -2.14
C THR A 208 -2.54 12.17 -1.24
N PHE A 209 -2.02 13.32 -1.62
CA PHE A 209 -1.00 13.98 -0.82
C PHE A 209 -1.35 15.46 -0.65
N HIS A 210 -1.37 15.93 0.58
CA HIS A 210 -1.71 17.32 0.87
C HIS A 210 -0.75 17.95 1.89
N ASP A 211 0.23 17.15 2.34
CA ASP A 211 1.23 17.60 3.31
C ASP A 211 0.58 18.19 4.57
N PHE A 212 -0.36 17.45 5.15
CA PHE A 212 -1.06 17.89 6.35
C PHE A 212 -1.93 19.12 6.07
N ALA A 213 -2.68 19.05 4.98
CA ALA A 213 -3.57 20.12 4.55
C ALA A 213 -2.89 21.46 4.34
N ARG A 214 -1.60 21.45 4.01
CA ARG A 214 -0.89 22.70 3.79
C ARG A 214 -0.81 23.04 2.31
N ILE A 215 -1.12 22.07 1.46
CA ILE A 215 -1.09 22.30 0.02
C ILE A 215 -2.54 22.47 -0.46
N PRO A 216 -2.82 23.54 -1.23
CA PRO A 216 -4.18 23.75 -1.72
C PRO A 216 -4.64 22.58 -2.57
N ALA A 217 -5.90 22.17 -2.37
CA ALA A 217 -6.47 21.04 -3.10
C ALA A 217 -6.14 21.03 -4.59
N GLU A 218 -6.37 22.16 -5.27
CA GLU A 218 -6.11 22.23 -6.70
C GLU A 218 -4.68 21.87 -7.09
N ASP A 219 -3.74 22.03 -6.18
CA ASP A 219 -2.35 21.71 -6.49
C ASP A 219 -1.88 20.37 -5.95
N CYS A 220 -2.80 19.59 -5.38
CA CYS A 220 -2.45 18.29 -4.85
C CYS A 220 -2.42 17.22 -5.94
N GLU A 221 -1.54 16.26 -5.77
CA GLU A 221 -1.40 15.19 -6.74
C GLU A 221 -1.71 13.83 -6.13
N LYS A 222 -1.96 12.87 -7.00
CA LYS A 222 -2.24 11.50 -6.60
C LYS A 222 -0.97 10.70 -6.85
N ILE A 223 -0.34 10.22 -5.78
CA ILE A 223 0.88 9.45 -5.92
C ILE A 223 0.74 8.06 -5.32
N ASP A 224 -0.44 7.75 -4.82
CA ASP A 224 -0.70 6.44 -4.22
C ASP A 224 -1.66 5.69 -5.13
N PHE A 225 -1.37 4.41 -5.39
CA PHE A 225 -2.23 3.64 -6.29
C PHE A 225 -2.54 2.23 -5.84
N ILE A 226 -3.61 1.70 -6.42
CA ILE A 226 -4.04 0.34 -6.20
C ILE A 226 -4.11 -0.30 -7.59
N PHE A 227 -3.25 -1.29 -7.84
CA PHE A 227 -3.26 -1.95 -9.14
C PHE A 227 -3.77 -3.37 -9.00
N VAL A 228 -4.57 -3.80 -9.97
CA VAL A 228 -5.13 -5.16 -9.92
C VAL A 228 -5.06 -5.90 -11.25
N THR A 229 -4.96 -7.21 -11.18
CA THR A 229 -4.90 -8.03 -12.39
C THR A 229 -6.27 -7.96 -13.10
N PRO A 230 -6.28 -8.11 -14.44
CA PRO A 230 -7.51 -8.04 -15.24
C PRO A 230 -8.76 -8.81 -14.81
N GLN A 231 -8.58 -9.86 -14.01
CA GLN A 231 -9.68 -10.70 -13.53
C GLN A 231 -10.48 -10.05 -12.39
N VAL A 232 -9.82 -9.32 -11.52
CA VAL A 232 -10.54 -8.71 -10.41
C VAL A 232 -11.48 -7.61 -10.86
N LEU A 233 -12.64 -7.54 -10.21
CA LEU A 233 -13.64 -6.54 -10.51
C LEU A 233 -13.58 -5.40 -9.50
N VAL A 234 -13.38 -4.18 -9.99
CA VAL A 234 -13.31 -3.03 -9.11
C VAL A 234 -14.67 -2.37 -9.01
N LYS A 235 -15.43 -2.72 -7.98
CA LYS A 235 -16.77 -2.18 -7.76
C LYS A 235 -16.74 -0.67 -7.49
N SER A 236 -15.87 -0.24 -6.59
CA SER A 236 -15.77 1.17 -6.26
C SER A 236 -14.48 1.58 -5.58
N CYS A 237 -14.20 2.87 -5.65
CA CYS A 237 -13.01 3.46 -5.07
C CYS A 237 -13.38 4.73 -4.32
N GLU A 238 -12.70 4.97 -3.22
CA GLU A 238 -12.95 6.17 -2.46
C GLU A 238 -11.66 6.71 -1.86
N ILE A 239 -11.52 8.03 -1.89
CA ILE A 239 -10.37 8.69 -1.31
C ILE A 239 -10.97 9.78 -0.45
N PRO A 240 -11.14 9.50 0.85
CA PRO A 240 -11.72 10.47 1.78
C PRO A 240 -10.89 11.73 1.93
N ALA A 241 -11.55 12.89 1.91
CA ALA A 241 -10.84 14.15 2.06
C ALA A 241 -10.24 14.23 3.46
N GLU A 242 -9.06 14.83 3.55
CA GLU A 242 -8.40 14.97 4.82
C GLU A 242 -9.19 15.98 5.66
N VAL A 243 -9.07 15.88 6.98
CA VAL A 243 -9.78 16.81 7.86
C VAL A 243 -8.74 17.61 8.64
N PRO A 244 -8.65 18.92 8.39
CA PRO A 244 -7.69 19.81 9.06
C PRO A 244 -7.62 19.69 10.58
N GLU A 245 -8.73 19.37 11.22
CA GLU A 245 -8.77 19.22 12.67
C GLU A 245 -8.28 17.82 13.06
N ALA A 246 -9.00 16.79 12.63
CA ALA A 246 -8.65 15.42 12.92
C ALA A 246 -7.87 14.77 11.78
N LEU A 247 -6.68 15.30 11.51
CA LEU A 247 -5.83 14.80 10.43
C LEU A 247 -5.28 13.41 10.72
N LEU A 248 -5.37 12.52 9.73
CA LEU A 248 -4.88 11.15 9.89
C LEU A 248 -3.41 11.02 9.49
N SER A 249 -3.04 11.74 8.43
CA SER A 249 -1.69 11.65 7.92
C SER A 249 -1.49 12.74 6.88
N ASP A 250 -0.29 12.89 6.35
CA ASP A 250 -0.08 13.89 5.31
C ASP A 250 -0.62 13.33 4.00
N HIS A 251 -0.94 12.04 4.01
CA HIS A 251 -1.51 11.38 2.85
C HIS A 251 -2.97 11.02 3.07
N ASN A 252 -3.68 10.74 1.97
CA ASN A 252 -5.07 10.32 2.02
C ASN A 252 -5.11 8.86 1.62
N PRO A 253 -5.79 8.01 2.38
CA PRO A 253 -5.88 6.59 2.04
C PRO A 253 -6.77 6.38 0.82
N GLN A 254 -6.54 5.28 0.10
CA GLN A 254 -7.37 4.98 -1.07
C GLN A 254 -8.06 3.64 -0.86
N LEU A 255 -9.37 3.65 -0.69
CA LEU A 255 -10.10 2.39 -0.49
C LEU A 255 -10.58 1.82 -1.82
N ALA A 256 -10.79 0.51 -1.87
CA ALA A 256 -11.26 -0.12 -3.08
C ALA A 256 -12.07 -1.37 -2.77
N ASP A 257 -13.32 -1.38 -3.22
CA ASP A 257 -14.14 -2.55 -3.00
C ASP A 257 -13.93 -3.47 -4.18
N LEU A 258 -13.29 -4.60 -3.93
CA LEU A 258 -12.98 -5.52 -4.99
C LEU A 258 -13.77 -6.82 -4.94
N GLU A 259 -13.71 -7.53 -6.04
CA GLU A 259 -14.38 -8.82 -6.17
C GLU A 259 -13.47 -9.70 -7.00
N LEU A 260 -13.02 -10.80 -6.43
CA LEU A 260 -12.14 -11.74 -7.12
C LEU A 260 -12.96 -12.76 -7.92
N GLU A 261 -12.53 -13.04 -9.14
CA GLU A 261 -13.24 -14.01 -9.97
C GLU A 261 -12.33 -15.16 -10.40
#